data_6EI4
#
_entry.id   6EI4
#
_cell.length_a   53.650
_cell.length_b   78.100
_cell.length_c   81.050
_cell.angle_alpha   90.00
_cell.angle_beta   104.52
_cell.angle_gamma   90.00
#
_symmetry.space_group_name_H-M   'P 1 21 1'
#
loop_
_entity.id
_entity.type
_entity.pdbx_description
1 polymer Tyrosinase
2 non-polymer [4-[(4-fluorophenyl)methyl]piperazin-1-yl]-(2-methylphenyl)methanone
3 non-polymer 'COPPER (II) ION'
4 water water
#
_entity_poly.entity_id   1
_entity_poly.type   'polypeptide(L)'
_entity_poly.pdbx_seq_one_letter_code
;KYRVRKNVLHLTDTEKRDFVRTVLILKEKGIYDRYIAWHGAAGKFHTPPGSDRNAAHMSSAFLPWHREYLLRFERDLQSI
NPEVTLPYWEWETDAQMQDPSQSQIWSADFMGGNGNPIKDFIVDTGPFAAGRWTTIDEQGNPSGGLKRNFGATKEAPTLP
TRDDVLNALKITQYDTPPWDMTSQNSFRNQLEGFINGPQLHNRVHRWVGGQMGVVPTAPNDPVFFLHHANVDRIWAVWQI
IHRNQNYQPMKNGPFGQNFRDPMYPWNTTPEDVMNHRKLGYVYDIELR
;
_entity_poly.pdbx_strand_id   A,B
#
loop_
_chem_comp.id
_chem_comp.type
_chem_comp.name
_chem_comp.formula
B5N non-polymer [4-[(4-fluorophenyl)methyl]piperazin-1-yl]-(2-methylphenyl)methanone 'C19 H21 F N2 O'
CU non-polymer 'COPPER (II) ION' 'Cu 2'
#
# COMPACT_ATOMS: atom_id res chain seq x y z
N LYS A 1 9.86 11.40 -24.71
CA LYS A 1 10.02 12.82 -25.02
C LYS A 1 8.71 13.41 -25.57
N TYR A 2 7.61 12.72 -25.31
CA TYR A 2 6.30 13.17 -25.77
C TYR A 2 5.74 14.19 -24.78
N ARG A 3 5.39 13.75 -23.59
CA ARG A 3 4.82 14.64 -22.58
C ARG A 3 5.81 15.65 -22.07
N VAL A 4 5.51 16.91 -22.20
CA VAL A 4 6.37 17.97 -21.72
C VAL A 4 5.83 18.52 -20.40
N ARG A 5 6.66 18.43 -19.36
CA ARG A 5 6.33 18.91 -18.03
C ARG A 5 6.88 20.36 -17.95
N LYS A 6 6.03 21.32 -17.66
CA LYS A 6 6.37 22.73 -17.73
C LYS A 6 6.54 23.39 -16.37
N ASN A 7 7.35 24.42 -16.33
CA ASN A 7 7.46 25.28 -15.16
C ASN A 7 6.09 25.91 -14.91
N VAL A 8 5.62 25.84 -13.67
CA VAL A 8 4.34 26.41 -13.28
C VAL A 8 4.17 27.85 -13.81
N LEU A 9 5.23 28.64 -13.70
CA LEU A 9 5.22 30.03 -14.15
C LEU A 9 5.11 30.16 -15.67
N HIS A 10 5.33 29.07 -16.39
CA HIS A 10 5.24 29.09 -17.85
C HIS A 10 3.89 28.60 -18.35
N LEU A 11 3.02 28.21 -17.44
CA LEU A 11 1.70 27.71 -17.81
C LEU A 11 0.80 28.86 -18.27
N THR A 12 -0.05 28.57 -19.26
CA THR A 12 -1.08 29.52 -19.66
C THR A 12 -2.23 29.46 -18.67
N ASP A 13 -3.11 30.45 -18.71
CA ASP A 13 -4.32 30.44 -17.89
C ASP A 13 -5.15 29.17 -18.14
N THR A 14 -5.21 28.75 -19.39
CA THR A 14 -5.93 27.56 -19.78
C THR A 14 -5.28 26.30 -19.22
N GLU A 15 -3.96 26.20 -19.37
CA GLU A 15 -3.21 25.05 -18.86
C GLU A 15 -3.39 24.88 -17.36
N LYS A 16 -3.43 26.00 -16.64
CA LYS A 16 -3.62 25.99 -15.20
C LYS A 16 -5.05 25.58 -14.86
N ARG A 17 -6.00 26.10 -15.59
CA ARG A 17 -7.38 25.79 -15.42
C ARG A 17 -7.61 24.31 -15.67
N ASP A 18 -7.01 23.80 -16.71
CA ASP A 18 -7.16 22.40 -17.09
C ASP A 18 -6.54 21.45 -16.08
N PHE A 19 -5.35 21.78 -15.59
CA PHE A 19 -4.67 20.97 -14.60
C PHE A 19 -5.55 20.85 -13.34
N VAL A 20 -5.93 21.99 -12.79
CA VAL A 20 -6.77 22.02 -11.59
C VAL A 20 -8.09 21.34 -11.88
N ARG A 21 -8.62 21.57 -13.09
CA ARG A 21 -9.88 20.97 -13.50
C ARG A 21 -9.75 19.46 -13.53
N THR A 22 -8.58 18.98 -13.94
CA THR A 22 -8.33 17.54 -14.02
C THR A 22 -8.12 16.88 -12.65
N VAL A 23 -7.53 17.60 -11.70
CA VAL A 23 -7.21 17.06 -10.37
C VAL A 23 -8.44 16.79 -9.47
N LEU A 24 -9.39 17.73 -9.47
CA LEU A 24 -10.63 17.61 -8.71
C LEU A 24 -11.43 16.42 -9.21
N ILE A 25 -11.30 16.14 -10.51
CA ILE A 25 -11.95 15.00 -11.13
C ILE A 25 -11.38 13.69 -10.57
N LEU A 26 -10.05 13.58 -10.56
CA LEU A 26 -9.41 12.41 -9.95
C LEU A 26 -9.82 12.26 -8.50
N LYS A 27 -10.00 13.39 -7.86
CA LYS A 27 -10.39 13.43 -6.49
C LYS A 27 -11.84 12.95 -6.35
N GLU A 28 -12.70 13.48 -7.18
CA GLU A 28 -14.13 13.16 -7.16
C GLU A 28 -14.38 11.68 -7.46
N LYS A 29 -13.56 11.10 -8.34
CA LYS A 29 -13.74 9.71 -8.73
C LYS A 29 -13.21 8.75 -7.66
N GLY A 30 -12.37 9.26 -6.77
CA GLY A 30 -11.78 8.43 -5.72
C GLY A 30 -10.38 7.96 -6.04
N ILE A 31 -9.85 8.38 -7.19
CA ILE A 31 -8.51 7.99 -7.61
C ILE A 31 -7.42 8.72 -6.84
N TYR A 32 -7.62 10.02 -6.59
CA TYR A 32 -6.65 10.84 -5.87
C TYR A 32 -6.31 10.24 -4.51
N ASP A 33 -7.33 9.78 -3.80
CA ASP A 33 -7.15 9.17 -2.48
C ASP A 33 -6.20 7.97 -2.51
N ARG A 34 -6.16 7.26 -3.62
CA ARG A 34 -5.26 6.11 -3.77
C ARG A 34 -3.80 6.55 -3.59
N TYR A 35 -3.49 7.76 -4.05
CA TYR A 35 -2.13 8.27 -3.99
C TYR A 35 -1.75 8.73 -2.59
N ILE A 36 -2.71 9.32 -1.87
CA ILE A 36 -2.48 9.70 -0.48
C ILE A 36 -2.16 8.47 0.37
N ALA A 37 -2.91 7.40 0.15
CA ALA A 37 -2.74 6.17 0.90
C ALA A 37 -1.42 5.46 0.57
N TRP A 38 -1.07 5.43 -0.71
CA TRP A 38 0.17 4.77 -1.15
C TRP A 38 1.37 5.38 -0.45
N HIS A 39 1.38 6.71 -0.40
CA HIS A 39 2.48 7.45 0.20
C HIS A 39 2.59 7.18 1.69
N GLY A 40 1.45 7.18 2.37
CA GLY A 40 1.43 6.90 3.80
C GLY A 40 1.80 5.46 4.08
N ALA A 41 1.37 4.55 3.21
CA ALA A 41 1.65 3.13 3.40
C ALA A 41 3.14 2.84 3.25
N ALA A 42 3.76 3.49 2.27
CA ALA A 42 5.20 3.30 2.02
C ALA A 42 6.04 3.93 3.12
N GLY A 43 5.55 5.02 3.69
CA GLY A 43 6.27 5.73 4.73
C GLY A 43 6.41 4.92 6.01
N LYS A 44 5.49 3.98 6.20
CA LYS A 44 5.49 3.15 7.40
C LYS A 44 6.03 1.75 7.10
N PHE A 45 6.55 1.58 5.88
CA PHE A 45 7.13 0.30 5.47
C PHE A 45 8.65 0.37 5.56
N HIS A 46 9.19 -0.15 6.64
CA HIS A 46 10.62 0.02 6.94
C HIS A 46 11.48 -1.07 6.33
N THR A 47 12.66 -0.68 5.85
CA THR A 47 13.55 -1.57 5.13
C THR A 47 14.95 -1.55 5.74
N PRO A 48 15.25 -2.49 6.65
CA PRO A 48 14.36 -3.55 7.16
C PRO A 48 13.51 -3.06 8.33
N PRO A 49 12.60 -3.89 8.84
CA PRO A 49 11.81 -3.49 10.01
C PRO A 49 12.66 -3.03 11.20
N GLY A 50 12.18 -2.00 11.90
CA GLY A 50 12.91 -1.42 13.01
C GLY A 50 13.93 -0.37 12.60
N SER A 51 14.11 -0.20 11.29
CA SER A 51 15.03 0.81 10.78
C SER A 51 14.28 2.11 10.49
N ASP A 52 15.02 3.19 10.30
CA ASP A 52 14.38 4.47 10.00
C ASP A 52 14.33 4.72 8.50
N ARG A 53 14.84 3.77 7.72
CA ARG A 53 14.60 3.79 6.29
C ARG A 53 13.20 3.29 6.04
N ASN A 54 12.52 3.86 5.06
CA ASN A 54 11.27 3.29 4.59
C ASN A 54 11.26 3.22 3.07
N ALA A 55 10.21 2.64 2.51
CA ALA A 55 10.12 2.39 1.08
C ALA A 55 10.29 3.67 0.25
N ALA A 56 9.77 4.79 0.77
CA ALA A 56 9.72 6.02 -0.01
C ALA A 56 10.65 7.13 0.48
N HIS A 57 11.20 7.00 1.68
CA HIS A 57 12.00 8.09 2.24
C HIS A 57 13.17 7.61 3.07
N MET A 58 14.09 8.54 3.35
CA MET A 58 15.24 8.32 4.22
C MET A 58 16.08 7.15 3.73
N SER A 59 16.11 6.96 2.41
CA SER A 59 16.88 5.88 1.80
C SER A 59 17.01 6.08 0.30
N SER A 60 17.80 5.23 -0.34
CA SER A 60 18.14 5.36 -1.76
C SER A 60 16.92 5.37 -2.68
N ALA A 61 15.90 4.63 -2.32
CA ALA A 61 14.70 4.51 -3.16
C ALA A 61 13.86 5.78 -3.20
N PHE A 62 14.21 6.77 -2.37
CA PHE A 62 13.45 8.01 -2.28
C PHE A 62 13.16 8.64 -3.63
N LEU A 63 14.18 8.75 -4.47
CA LEU A 63 14.03 9.36 -5.78
C LEU A 63 13.24 8.49 -6.78
N PRO A 64 13.67 7.22 -7.01
CA PRO A 64 12.86 6.44 -7.95
C PRO A 64 11.42 6.20 -7.48
N TRP A 65 11.20 6.12 -6.17
CA TRP A 65 9.86 5.85 -5.66
C TRP A 65 8.90 6.97 -6.03
N HIS A 66 9.35 8.21 -5.86
CA HIS A 66 8.50 9.35 -6.16
C HIS A 66 8.39 9.58 -7.65
N ARG A 67 9.40 9.16 -8.40
CA ARG A 67 9.31 9.25 -9.86
C ARG A 67 8.22 8.31 -10.37
N GLU A 68 8.21 7.08 -9.88
CA GLU A 68 7.14 6.14 -10.19
C GLU A 68 5.81 6.69 -9.70
N TYR A 69 5.81 7.18 -8.47
CA TYR A 69 4.64 7.81 -7.86
C TYR A 69 4.11 8.91 -8.77
N LEU A 70 5.01 9.80 -9.16
CA LEU A 70 4.68 10.89 -10.09
C LEU A 70 4.31 10.38 -11.46
N LEU A 71 4.96 9.31 -11.95
CA LEU A 71 4.63 8.72 -13.25
C LEU A 71 3.18 8.20 -13.34
N ARG A 72 2.75 7.46 -12.35
CA ARG A 72 1.40 6.95 -12.27
C ARG A 72 0.30 7.99 -12.24
N PHE A 73 0.52 9.06 -11.51
CA PHE A 73 -0.46 10.15 -11.34
C PHE A 73 -0.82 10.86 -12.66
N GLU A 74 0.23 11.12 -13.43
CA GLU A 74 0.17 11.76 -14.71
C GLU A 74 -0.64 10.96 -15.68
N ARG A 75 -0.40 9.67 -15.70
CA ARG A 75 -1.12 8.78 -16.58
C ARG A 75 -2.59 8.87 -16.21
N ASP A 76 -2.89 8.85 -14.92
CA ASP A 76 -4.25 9.05 -14.43
C ASP A 76 -4.80 10.40 -14.89
N LEU A 77 -3.95 11.44 -14.87
CA LEU A 77 -4.33 12.76 -15.36
C LEU A 77 -4.66 12.72 -16.84
N GLN A 78 -3.79 12.07 -17.61
CA GLN A 78 -3.98 11.96 -19.05
C GLN A 78 -5.29 11.25 -19.40
N SER A 79 -5.61 10.21 -18.61
CA SER A 79 -6.83 9.45 -18.83
C SER A 79 -8.07 10.34 -18.84
N ILE A 80 -7.99 11.48 -18.15
CA ILE A 80 -9.07 12.45 -18.11
C ILE A 80 -8.89 13.49 -19.22
N ASN A 81 -7.64 13.84 -19.49
CA ASN A 81 -7.31 14.87 -20.46
C ASN A 81 -5.88 14.69 -20.96
N PRO A 82 -5.74 14.14 -22.18
CA PRO A 82 -4.44 13.82 -22.80
C PRO A 82 -3.55 15.03 -23.06
N GLU A 83 -4.06 16.24 -22.86
CA GLU A 83 -3.26 17.45 -23.05
C GLU A 83 -2.65 17.93 -21.74
N VAL A 84 -2.98 17.24 -20.65
CA VAL A 84 -2.54 17.65 -19.33
C VAL A 84 -1.34 16.84 -18.85
N THR A 85 -0.25 17.54 -18.52
CA THR A 85 0.92 16.92 -17.93
C THR A 85 1.15 17.52 -16.55
N LEU A 86 2.05 16.92 -15.78
CA LEU A 86 2.35 17.41 -14.44
C LEU A 86 3.38 18.53 -14.46
N PRO A 87 2.95 19.75 -14.11
CA PRO A 87 3.94 20.84 -14.08
C PRO A 87 4.85 20.71 -12.87
N TYR A 88 5.84 21.59 -12.75
CA TYR A 88 6.70 21.56 -11.58
C TYR A 88 6.82 22.95 -10.96
N TRP A 89 6.97 22.96 -9.64
CA TRP A 89 7.12 24.20 -8.90
C TRP A 89 8.59 24.46 -8.63
N GLU A 90 9.16 25.40 -9.38
CA GLU A 90 10.56 25.75 -9.24
C GLU A 90 10.74 26.64 -8.02
N TRP A 91 10.67 26.01 -6.84
CA TRP A 91 10.79 26.72 -5.56
C TRP A 91 12.13 27.41 -5.29
N GLU A 92 13.13 27.15 -6.12
CA GLU A 92 14.43 27.77 -5.90
C GLU A 92 14.47 29.21 -6.42
N THR A 93 13.63 29.51 -7.42
CA THR A 93 13.54 30.86 -7.96
C THR A 93 12.55 31.69 -7.15
N ASP A 94 11.62 31.01 -6.49
CA ASP A 94 10.65 31.67 -5.63
C ASP A 94 11.35 32.19 -4.39
N ALA A 95 12.37 31.45 -3.94
CA ALA A 95 13.18 31.85 -2.81
C ALA A 95 13.94 33.16 -3.05
N GLN A 96 14.10 33.53 -4.32
CA GLN A 96 14.75 34.78 -4.67
C GLN A 96 13.86 35.98 -4.34
N MET A 97 12.56 35.74 -4.27
CA MET A 97 11.61 36.77 -3.86
C MET A 97 11.81 37.13 -2.39
N GLN A 98 11.46 38.34 -2.02
CA GLN A 98 11.60 38.69 -0.61
C GLN A 98 10.49 37.97 0.11
N ASP A 99 9.34 37.85 -0.54
CA ASP A 99 8.23 37.11 0.03
C ASP A 99 7.70 36.13 -1.00
N PRO A 100 8.19 34.87 -0.93
CA PRO A 100 7.85 33.79 -1.85
C PRO A 100 6.35 33.48 -1.91
N SER A 101 5.61 33.85 -0.86
CA SER A 101 4.17 33.60 -0.81
C SER A 101 3.42 34.46 -1.83
N GLN A 102 4.11 35.41 -2.44
CA GLN A 102 3.51 36.25 -3.47
C GLN A 102 3.65 35.63 -4.85
N SER A 103 4.30 34.47 -4.93
CA SER A 103 4.43 33.72 -6.18
C SER A 103 3.08 33.41 -6.80
N GLN A 104 3.06 33.37 -8.14
CA GLN A 104 1.85 33.14 -8.91
C GLN A 104 1.22 31.77 -8.65
N ILE A 105 2.05 30.80 -8.24
CA ILE A 105 1.57 29.46 -7.96
C ILE A 105 0.46 29.48 -6.90
N TRP A 106 0.51 30.45 -5.99
CA TRP A 106 -0.46 30.53 -4.91
C TRP A 106 -1.67 31.38 -5.27
N SER A 107 -1.84 31.67 -6.56
CA SER A 107 -2.98 32.46 -7.01
C SER A 107 -4.26 31.65 -6.88
N ALA A 108 -5.38 32.35 -6.72
CA ALA A 108 -6.67 31.71 -6.48
C ALA A 108 -7.15 30.84 -7.64
N ASP A 109 -6.51 30.97 -8.80
CA ASP A 109 -6.89 30.18 -9.96
C ASP A 109 -6.04 28.92 -10.14
N PHE A 110 -5.12 28.67 -9.20
CA PHE A 110 -4.25 27.50 -9.34
C PHE A 110 -4.17 26.66 -8.06
N MET A 111 -3.33 27.06 -7.12
CA MET A 111 -3.16 26.27 -5.90
C MET A 111 -3.88 26.87 -4.70
N GLY A 112 -4.25 28.14 -4.80
CA GLY A 112 -4.80 28.85 -3.66
C GLY A 112 -3.67 29.35 -2.78
N GLY A 113 -4.01 30.09 -1.74
CA GLY A 113 -3.01 30.78 -0.95
C GLY A 113 -2.64 30.13 0.39
N ASN A 114 -2.02 30.94 1.23
CA ASN A 114 -1.58 30.53 2.56
C ASN A 114 -2.78 30.26 3.48
N GLY A 115 -2.51 29.71 4.66
CA GLY A 115 -3.57 29.38 5.60
C GLY A 115 -4.10 30.59 6.33
N ASN A 116 -5.38 30.55 6.69
CA ASN A 116 -6.01 31.61 7.45
C ASN A 116 -5.74 31.43 8.94
N PRO A 117 -4.95 32.33 9.55
CA PRO A 117 -4.56 32.22 10.95
C PRO A 117 -5.77 32.23 11.88
N ILE A 118 -6.86 32.86 11.45
CA ILE A 118 -8.08 32.92 12.23
C ILE A 118 -8.74 31.55 12.29
N LYS A 119 -8.54 30.75 11.25
CA LYS A 119 -9.14 29.42 11.18
C LYS A 119 -8.11 28.32 11.35
N ASP A 120 -7.13 28.55 12.23
CA ASP A 120 -6.11 27.56 12.52
C ASP A 120 -5.34 27.16 11.25
N PHE A 121 -5.18 28.14 10.36
CA PHE A 121 -4.39 28.02 9.13
C PHE A 121 -5.03 27.13 8.08
N ILE A 122 -6.36 27.06 8.11
CA ILE A 122 -7.12 26.43 7.04
C ILE A 122 -7.00 27.29 5.77
N VAL A 123 -6.82 26.64 4.62
CA VAL A 123 -6.79 27.35 3.35
C VAL A 123 -8.21 27.64 2.87
N ASP A 124 -8.54 28.92 2.69
CA ASP A 124 -9.90 29.29 2.31
C ASP A 124 -9.95 30.06 0.99
N THR A 125 -8.85 30.05 0.25
CA THR A 125 -8.81 30.63 -1.09
C THR A 125 -8.30 29.60 -2.10
N GLY A 126 -8.82 29.67 -3.33
CA GLY A 126 -8.38 28.79 -4.38
C GLY A 126 -9.27 27.57 -4.54
N PRO A 127 -8.95 26.73 -5.53
CA PRO A 127 -9.74 25.54 -5.87
C PRO A 127 -9.77 24.47 -4.78
N PHE A 128 -8.78 24.48 -3.90
CA PHE A 128 -8.65 23.43 -2.90
C PHE A 128 -8.95 23.93 -1.49
N ALA A 129 -9.64 25.06 -1.41
CA ALA A 129 -10.06 25.63 -0.14
C ALA A 129 -11.03 24.70 0.59
N ALA A 130 -11.09 24.83 1.92
CA ALA A 130 -12.03 24.05 2.72
C ALA A 130 -13.45 24.24 2.21
N GLY A 131 -14.18 23.13 2.08
CA GLY A 131 -15.52 23.17 1.54
C GLY A 131 -15.51 22.86 0.05
N ARG A 132 -14.32 22.94 -0.55
CA ARG A 132 -14.13 22.62 -1.96
C ARG A 132 -13.30 21.36 -2.10
N TRP A 133 -12.62 21.01 -1.02
CA TRP A 133 -11.60 19.97 -1.06
C TRP A 133 -11.53 19.26 0.29
N THR A 134 -11.91 17.99 0.31
CA THR A 134 -11.89 17.22 1.55
C THR A 134 -10.55 16.55 1.72
N THR A 135 -10.09 16.47 2.97
CA THR A 135 -8.79 15.90 3.26
C THR A 135 -8.93 14.65 4.13
N ILE A 136 -7.85 13.88 4.23
CA ILE A 136 -7.82 12.66 5.01
C ILE A 136 -6.64 12.69 5.99
N ASP A 137 -6.81 12.14 7.18
CA ASP A 137 -5.73 12.12 8.17
C ASP A 137 -4.81 10.91 8.03
N GLU A 138 -3.81 10.85 8.91
CA GLU A 138 -2.80 9.78 8.92
C GLU A 138 -3.42 8.38 8.99
N GLN A 139 -4.56 8.27 9.65
CA GLN A 139 -5.22 6.99 9.84
C GLN A 139 -6.23 6.70 8.73
N GLY A 140 -6.31 7.60 7.75
CA GLY A 140 -7.18 7.38 6.62
C GLY A 140 -8.61 7.84 6.80
N ASN A 141 -8.84 8.74 7.76
CA ASN A 141 -10.18 9.26 8.02
C ASN A 141 -10.30 10.73 7.64
N PRO A 142 -11.51 11.16 7.26
CA PRO A 142 -11.75 12.56 6.87
C PRO A 142 -11.26 13.55 7.93
N SER A 143 -10.59 14.61 7.51
CA SER A 143 -9.91 15.49 8.46
C SER A 143 -10.35 16.96 8.44
N GLY A 144 -11.17 17.35 7.46
CA GLY A 144 -11.81 18.65 7.54
C GLY A 144 -11.27 19.84 6.76
N GLY A 145 -10.22 19.66 5.97
CA GLY A 145 -9.73 20.75 5.14
C GLY A 145 -8.22 20.93 5.08
N LEU A 146 -7.74 21.42 3.93
CA LEU A 146 -6.33 21.66 3.71
C LEU A 146 -5.81 22.81 4.58
N LYS A 147 -4.59 22.64 5.08
CA LYS A 147 -3.93 23.68 5.86
C LYS A 147 -2.56 24.02 5.29
N ARG A 148 -2.15 25.27 5.50
CA ARG A 148 -0.85 25.76 5.05
C ARG A 148 -0.39 26.84 6.01
N ASN A 149 0.92 26.94 6.22
CA ASN A 149 1.46 28.00 7.05
C ASN A 149 2.89 28.31 6.66
N PHE A 150 3.04 29.09 5.59
CA PHE A 150 4.33 29.36 4.96
C PHE A 150 5.40 29.91 5.91
N GLY A 151 6.56 29.28 5.89
CA GLY A 151 7.71 29.67 6.70
C GLY A 151 7.43 30.03 8.15
N ALA A 152 6.58 29.24 8.80
CA ALA A 152 6.17 29.49 10.17
C ALA A 152 7.06 28.80 11.20
N THR A 153 8.08 28.10 10.71
CA THR A 153 8.98 27.37 11.59
C THR A 153 10.38 27.92 11.56
N LYS A 154 11.09 27.75 12.67
CA LYS A 154 12.46 28.24 12.77
C LYS A 154 13.43 27.38 11.95
N GLU A 155 13.11 26.10 11.80
CA GLU A 155 13.98 25.17 11.09
C GLU A 155 13.94 25.42 9.58
N ALA A 156 12.84 25.98 9.11
CA ALA A 156 12.67 26.23 7.68
C ALA A 156 11.89 27.52 7.41
N PRO A 157 12.48 28.68 7.76
CA PRO A 157 11.79 29.95 7.53
C PRO A 157 11.81 30.39 6.07
N THR A 158 12.61 29.71 5.26
CA THR A 158 12.78 30.07 3.85
C THR A 158 12.84 28.84 2.97
N LEU A 159 12.55 29.03 1.68
CA LEU A 159 12.65 27.95 0.71
C LEU A 159 14.10 27.82 0.27
N PRO A 160 14.48 26.61 -0.15
CA PRO A 160 15.83 26.34 -0.65
C PRO A 160 16.19 27.29 -1.81
N THR A 161 17.46 27.61 -2.00
CA THR A 161 17.90 28.57 -3.01
C THR A 161 18.47 27.86 -4.23
N ARG A 162 18.67 28.62 -5.31
CA ARG A 162 19.24 28.07 -6.53
C ARG A 162 20.63 27.52 -6.26
N ASP A 163 21.37 28.19 -5.38
CA ASP A 163 22.70 27.74 -5.00
C ASP A 163 22.64 26.40 -4.27
N ASP A 164 21.67 26.25 -3.37
CA ASP A 164 21.45 24.98 -2.68
C ASP A 164 21.27 23.84 -3.68
N VAL A 165 20.52 24.12 -4.73
CA VAL A 165 20.26 23.14 -5.78
C VAL A 165 21.53 22.90 -6.61
N LEU A 166 22.24 23.97 -6.90
CA LEU A 166 23.45 23.90 -7.71
C LEU A 166 24.53 23.08 -7.01
N ASN A 167 24.63 23.24 -5.70
CA ASN A 167 25.62 22.52 -4.92
C ASN A 167 25.32 21.03 -4.83
N ALA A 168 24.04 20.69 -4.74
CA ALA A 168 23.60 19.30 -4.73
C ALA A 168 23.97 18.60 -6.05
N LEU A 169 23.84 19.33 -7.15
CA LEU A 169 24.12 18.78 -8.47
C LEU A 169 25.60 18.47 -8.66
N LYS A 170 26.45 19.04 -7.80
CA LYS A 170 27.88 18.83 -7.88
C LYS A 170 28.29 17.45 -7.35
N ILE A 171 27.52 16.93 -6.39
CA ILE A 171 27.79 15.63 -5.78
C ILE A 171 27.96 14.53 -6.82
N THR A 172 29.03 13.76 -6.71
CA THR A 172 29.33 12.71 -7.68
C THR A 172 28.61 11.38 -7.51
N GLN A 173 28.39 10.98 -6.26
CA GLN A 173 27.74 9.70 -6.00
C GLN A 173 26.23 9.86 -5.86
N TYR A 174 25.47 8.97 -6.49
CA TYR A 174 24.02 8.95 -6.31
C TYR A 174 23.69 8.80 -4.83
N ASP A 175 24.31 7.80 -4.21
CA ASP A 175 24.12 7.55 -2.79
C ASP A 175 25.31 6.78 -2.23
N THR A 176 25.40 6.71 -0.90
CA THR A 176 26.53 6.08 -0.23
C THR A 176 26.01 5.29 0.98
N PRO A 177 26.76 4.25 1.39
CA PRO A 177 26.37 3.52 2.60
C PRO A 177 26.39 4.44 3.82
N PRO A 178 25.55 4.17 4.83
CA PRO A 178 24.61 3.05 4.98
C PRO A 178 23.24 3.27 4.33
N TRP A 179 23.21 4.00 3.22
CA TRP A 179 21.97 4.23 2.47
C TRP A 179 20.80 4.71 3.31
N ASP A 180 21.02 5.77 4.09
CA ASP A 180 19.96 6.32 4.92
C ASP A 180 20.15 7.81 5.16
N MET A 181 19.44 8.34 6.16
CA MET A 181 19.51 9.76 6.51
C MET A 181 20.93 10.25 6.82
N THR A 182 21.84 9.33 7.15
CA THR A 182 23.17 9.70 7.62
C THR A 182 24.23 9.66 6.52
N SER A 183 23.82 9.26 5.31
CA SER A 183 24.74 9.17 4.18
C SER A 183 25.42 10.50 3.85
N GLN A 184 26.73 10.47 3.62
CA GLN A 184 27.49 11.67 3.28
C GLN A 184 27.96 11.63 1.83
N ASN A 185 28.22 12.81 1.27
CA ASN A 185 28.62 12.96 -0.14
C ASN A 185 27.66 12.19 -1.02
N SER A 186 26.38 12.31 -0.68
CA SER A 186 25.32 11.55 -1.29
C SER A 186 24.29 12.48 -1.94
N PHE A 187 24.12 12.37 -3.25
CA PHE A 187 23.18 13.24 -3.97
C PHE A 187 21.72 13.06 -3.53
N ARG A 188 21.29 11.81 -3.37
CA ARG A 188 19.93 11.51 -2.95
C ARG A 188 19.67 12.11 -1.57
N ASN A 189 20.55 11.81 -0.62
CA ASN A 189 20.41 12.34 0.74
C ASN A 189 20.48 13.85 0.76
N GLN A 190 21.37 14.40 -0.05
CA GLN A 190 21.53 15.85 -0.14
C GLN A 190 20.25 16.47 -0.69
N LEU A 191 19.75 15.92 -1.79
CA LEU A 191 18.51 16.41 -2.40
C LEU A 191 17.29 16.15 -1.52
N GLU A 192 17.23 14.96 -0.91
CA GLU A 192 16.19 14.64 0.06
C GLU A 192 16.14 15.73 1.13
N GLY A 193 17.29 16.04 1.68
CA GLY A 193 17.43 17.18 2.58
C GLY A 193 17.85 16.86 4.00
N PHE A 194 18.68 15.84 4.16
CA PHE A 194 19.08 15.41 5.50
C PHE A 194 20.50 15.84 5.87
N ILE A 195 21.21 16.44 4.91
CA ILE A 195 22.52 16.99 5.22
C ILE A 195 22.34 18.35 5.87
N ASN A 196 22.64 18.43 7.16
CA ASN A 196 22.40 19.62 7.96
C ASN A 196 20.94 20.08 7.84
N GLY A 197 20.03 19.10 7.82
CA GLY A 197 18.62 19.34 7.52
C GLY A 197 17.88 20.22 8.51
N PRO A 198 16.71 20.73 8.10
CA PRO A 198 16.08 20.47 6.80
C PRO A 198 16.59 21.36 5.67
N GLN A 199 16.88 20.74 4.52
CA GLN A 199 17.29 21.44 3.32
C GLN A 199 16.56 20.91 2.11
N LEU A 200 16.49 21.71 1.05
CA LEU A 200 15.94 21.27 -0.23
C LEU A 200 14.54 20.66 -0.11
N HIS A 201 14.37 19.43 -0.56
CA HIS A 201 13.07 18.74 -0.52
C HIS A 201 12.41 18.78 0.86
N ASN A 202 13.12 18.32 1.88
CA ASN A 202 12.59 18.31 3.23
C ASN A 202 12.23 19.71 3.71
N ARG A 203 13.04 20.69 3.31
CA ARG A 203 12.83 22.08 3.71
C ARG A 203 11.54 22.63 3.11
N VAL A 204 11.29 22.31 1.85
CA VAL A 204 10.06 22.72 1.18
C VAL A 204 8.81 22.28 1.94
N HIS A 205 8.73 20.99 2.24
CA HIS A 205 7.64 20.44 3.03
C HIS A 205 7.43 21.23 4.33
N ARG A 206 8.51 21.43 5.08
CA ARG A 206 8.46 22.16 6.33
C ARG A 206 8.01 23.61 6.10
N TRP A 207 8.52 24.23 5.04
CA TRP A 207 8.17 25.60 4.73
C TRP A 207 6.68 25.78 4.48
N VAL A 208 6.11 24.94 3.62
CA VAL A 208 4.69 25.00 3.29
C VAL A 208 3.82 24.85 4.54
N GLY A 209 4.11 23.83 5.35
CA GLY A 209 3.37 23.61 6.57
C GLY A 209 2.09 22.85 6.30
N GLY A 210 1.18 22.87 7.28
CA GLY A 210 -0.08 22.15 7.15
C GLY A 210 0.16 20.67 6.89
N GLN A 211 -0.66 20.07 6.05
CA GLN A 211 -0.52 18.66 5.72
C GLN A 211 0.84 18.37 5.07
N MET A 212 1.35 19.32 4.30
CA MET A 212 2.63 19.16 3.62
C MET A 212 3.77 19.01 4.62
N GLY A 213 3.53 19.44 5.85
CA GLY A 213 4.54 19.41 6.90
C GLY A 213 4.76 18.06 7.56
N VAL A 214 3.87 17.10 7.31
CA VAL A 214 4.07 15.74 7.84
C VAL A 214 3.94 14.72 6.70
N VAL A 215 4.80 13.72 6.76
CA VAL A 215 4.91 12.65 5.76
C VAL A 215 3.65 11.91 5.34
N PRO A 216 2.84 11.44 6.28
CA PRO A 216 1.66 10.67 5.88
C PRO A 216 0.52 11.47 5.25
N THR A 217 0.45 12.78 5.48
CA THR A 217 -0.68 13.56 4.95
C THR A 217 -0.30 14.57 3.89
N ALA A 218 0.99 14.66 3.57
CA ALA A 218 1.47 15.65 2.59
C ALA A 218 0.76 15.63 1.23
N PRO A 219 0.47 14.45 0.65
CA PRO A 219 -0.20 14.48 -0.65
C PRO A 219 -1.63 15.04 -0.65
N ASN A 220 -2.19 15.32 0.53
CA ASN A 220 -3.48 16.01 0.61
C ASN A 220 -3.45 17.36 -0.10
N ASP A 221 -2.26 17.95 -0.18
CA ASP A 221 -2.06 19.20 -0.87
C ASP A 221 -1.55 18.92 -2.28
N PRO A 222 -2.34 19.29 -3.30
CA PRO A 222 -1.98 19.06 -4.70
C PRO A 222 -0.59 19.59 -5.07
N VAL A 223 -0.13 20.64 -4.38
CA VAL A 223 1.19 21.20 -4.63
C VAL A 223 2.31 20.19 -4.32
N PHE A 224 1.95 19.10 -3.62
CA PHE A 224 2.89 18.04 -3.32
C PHE A 224 3.46 17.48 -4.61
N PHE A 225 2.61 17.36 -5.61
CA PHE A 225 2.99 16.77 -6.89
C PHE A 225 3.79 17.76 -7.72
N LEU A 226 3.48 19.05 -7.58
CA LEU A 226 4.24 20.08 -8.28
C LEU A 226 5.63 20.18 -7.67
N HIS A 227 5.68 20.04 -6.35
CA HIS A 227 6.93 20.02 -5.59
C HIS A 227 7.84 18.87 -6.04
N HIS A 228 7.31 17.65 -6.01
CA HIS A 228 8.13 16.49 -6.32
C HIS A 228 8.49 16.43 -7.80
N ALA A 229 7.67 17.03 -8.64
CA ALA A 229 8.00 17.15 -10.07
C ALA A 229 9.28 17.97 -10.22
N ASN A 230 9.42 19.01 -9.41
CA ASN A 230 10.64 19.80 -9.40
C ASN A 230 11.81 18.98 -8.88
N VAL A 231 11.55 18.20 -7.84
CA VAL A 231 12.55 17.32 -7.26
C VAL A 231 13.00 16.30 -8.30
N ASP A 232 12.04 15.77 -9.05
CA ASP A 232 12.32 14.81 -10.12
C ASP A 232 13.11 15.46 -11.24
N ARG A 233 12.79 16.70 -11.55
CA ARG A 233 13.51 17.46 -12.57
C ARG A 233 14.98 17.64 -12.19
N ILE A 234 15.21 17.98 -10.92
CA ILE A 234 16.57 18.14 -10.41
C ILE A 234 17.36 16.83 -10.55
N TRP A 235 16.74 15.72 -10.16
CA TRP A 235 17.37 14.42 -10.29
C TRP A 235 17.71 14.13 -11.74
N ALA A 236 16.75 14.38 -12.64
CA ALA A 236 16.95 14.19 -14.07
C ALA A 236 18.16 14.99 -14.58
N VAL A 237 18.26 16.25 -14.16
CA VAL A 237 19.40 17.09 -14.49
C VAL A 237 20.71 16.44 -14.03
N TRP A 238 20.73 15.98 -12.79
CA TRP A 238 21.89 15.28 -12.23
C TRP A 238 22.27 14.08 -13.09
N GLN A 239 21.27 13.40 -13.64
CA GLN A 239 21.50 12.22 -14.46
C GLN A 239 22.12 12.57 -15.81
N ILE A 240 21.76 13.73 -16.34
CA ILE A 240 22.28 14.18 -17.62
C ILE A 240 23.72 14.67 -17.49
N ILE A 241 24.04 15.22 -16.33
CA ILE A 241 25.38 15.72 -16.06
C ILE A 241 26.33 14.58 -15.74
N HIS A 242 25.94 13.73 -14.80
CA HIS A 242 26.76 12.59 -14.41
C HIS A 242 26.29 11.32 -15.12
N ARG A 243 26.56 11.26 -16.42
CA ARG A 243 25.95 10.26 -17.28
C ARG A 243 26.41 8.84 -16.96
N ASN A 244 27.61 8.68 -16.42
CA ASN A 244 28.14 7.35 -16.10
C ASN A 244 27.94 6.97 -14.63
N GLN A 245 27.39 7.89 -13.85
CA GLN A 245 27.03 7.56 -12.49
C GLN A 245 25.68 6.85 -12.51
N ASN A 246 25.55 5.81 -11.69
CA ASN A 246 24.33 5.03 -11.68
C ASN A 246 23.75 4.91 -10.28
N TYR A 247 22.52 4.41 -10.21
CA TYR A 247 21.83 4.21 -8.95
C TYR A 247 22.65 3.34 -8.00
N GLN A 248 22.60 3.69 -6.72
CA GLN A 248 23.25 2.91 -5.68
C GLN A 248 22.31 2.80 -4.48
N PRO A 249 22.26 1.63 -3.84
CA PRO A 249 23.11 0.46 -4.08
C PRO A 249 22.65 -0.42 -5.24
N MET A 250 23.59 -1.13 -5.83
CA MET A 250 23.30 -2.07 -6.91
C MET A 250 22.89 -3.40 -6.30
N LYS A 251 23.49 -3.70 -5.15
CA LYS A 251 23.22 -4.91 -4.40
C LYS A 251 23.80 -4.76 -3.00
N ASN A 252 23.32 -5.60 -2.08
CA ASN A 252 23.79 -5.65 -0.68
C ASN A 252 23.23 -4.49 0.17
N GLY A 253 22.29 -3.74 -0.40
CA GLY A 253 21.53 -2.78 0.38
C GLY A 253 20.34 -3.48 1.01
N PRO A 254 19.58 -2.78 1.86
CA PRO A 254 18.35 -3.35 2.40
C PRO A 254 17.40 -3.72 1.26
N PHE A 255 16.67 -4.82 1.40
CA PHE A 255 15.71 -5.21 0.37
C PHE A 255 14.66 -4.13 0.17
N GLY A 256 14.47 -3.73 -1.08
CA GLY A 256 13.58 -2.64 -1.41
C GLY A 256 14.35 -1.40 -1.78
N GLN A 257 15.65 -1.42 -1.50
CA GLN A 257 16.51 -0.28 -1.77
C GLN A 257 17.49 -0.55 -2.91
N ASN A 258 17.64 -1.81 -3.28
CA ASN A 258 18.59 -2.16 -4.34
C ASN A 258 18.02 -1.87 -5.72
N PHE A 259 18.92 -1.75 -6.69
CA PHE A 259 18.60 -1.42 -8.07
C PHE A 259 17.51 -2.30 -8.68
N ARG A 260 17.55 -3.59 -8.35
CA ARG A 260 16.63 -4.57 -8.94
C ARG A 260 15.57 -5.06 -7.95
N ASP A 261 15.30 -4.25 -6.93
CA ASP A 261 14.29 -4.60 -5.93
C ASP A 261 12.95 -3.93 -6.22
N PRO A 262 11.84 -4.61 -5.91
CA PRO A 262 10.52 -3.98 -6.04
C PRO A 262 10.32 -2.89 -4.99
N MET A 263 9.92 -1.73 -5.45
CA MET A 263 9.75 -0.60 -4.56
C MET A 263 8.35 -0.65 -4.03
N TYR A 264 8.21 -1.10 -2.77
CA TYR A 264 6.91 -1.16 -2.12
C TYR A 264 6.29 0.22 -2.29
N PRO A 265 5.00 0.29 -2.55
CA PRO A 265 4.06 -0.84 -2.59
C PRO A 265 3.72 -1.58 -3.91
N TRP A 266 4.52 -1.25 -4.79
CA TRP A 266 4.51 -1.75 -6.13
C TRP A 266 5.55 -2.86 -6.44
N ASN A 267 5.56 -3.33 -7.68
CA ASN A 267 6.60 -4.24 -8.15
C ASN A 267 7.65 -3.47 -8.93
N THR A 268 7.39 -2.19 -9.18
CA THR A 268 8.32 -1.32 -9.89
C THR A 268 9.67 -1.25 -9.19
N THR A 269 10.73 -1.39 -9.98
CA THR A 269 12.10 -1.29 -9.46
C THR A 269 12.70 0.07 -9.80
N PRO A 270 13.78 0.44 -9.14
CA PRO A 270 14.48 1.68 -9.46
C PRO A 270 14.92 1.61 -10.92
N GLU A 271 15.37 0.44 -11.35
CA GLU A 271 15.81 0.24 -12.68
C GLU A 271 14.76 0.64 -13.69
N ASP A 272 13.51 0.30 -13.46
CA ASP A 272 12.39 0.56 -14.37
C ASP A 272 12.13 2.05 -14.62
N VAL A 273 12.69 2.90 -13.75
CA VAL A 273 12.41 4.34 -13.87
C VAL A 273 13.69 5.18 -13.87
N MET A 274 14.85 4.60 -14.10
CA MET A 274 16.09 5.40 -14.11
C MET A 274 16.12 6.49 -15.20
N ASN A 275 15.67 6.12 -16.40
CA ASN A 275 15.63 7.04 -17.52
C ASN A 275 14.26 7.70 -17.62
N HIS A 276 14.20 9.00 -17.31
CA HIS A 276 12.95 9.74 -17.34
C HIS A 276 12.33 9.85 -18.73
N ARG A 277 13.15 9.65 -19.76
CA ARG A 277 12.69 9.74 -21.14
C ARG A 277 11.97 8.47 -21.59
N LYS A 278 12.44 7.32 -21.09
CA LYS A 278 11.84 6.05 -21.44
C LYS A 278 10.43 5.91 -20.88
N LEU A 279 10.08 6.80 -19.95
CA LEU A 279 8.75 6.77 -19.35
C LEU A 279 7.76 7.62 -20.12
N GLY A 280 8.26 8.32 -21.13
CA GLY A 280 7.41 9.07 -22.03
C GLY A 280 7.26 10.55 -21.71
N TYR A 281 8.15 11.12 -20.92
CA TYR A 281 8.12 12.54 -20.55
C TYR A 281 9.47 13.22 -20.55
N VAL A 282 9.42 14.53 -20.59
CA VAL A 282 10.62 15.35 -20.59
C VAL A 282 10.28 16.69 -19.91
N TYR A 283 11.29 17.35 -19.36
CA TYR A 283 11.06 18.67 -18.79
C TYR A 283 11.41 19.74 -19.81
N ASP A 284 10.63 20.82 -19.81
CA ASP A 284 10.78 21.90 -20.77
C ASP A 284 12.20 22.47 -20.87
N ILE A 285 12.92 22.46 -19.75
CA ILE A 285 14.28 23.01 -19.72
C ILE A 285 15.28 22.14 -20.48
N GLU A 286 14.83 20.95 -20.88
CA GLU A 286 15.67 20.05 -21.65
C GLU A 286 15.59 20.41 -23.13
N LEU A 287 14.53 21.12 -23.49
CA LEU A 287 14.30 21.54 -24.87
C LEU A 287 14.75 22.97 -25.17
N ARG A 288 14.95 23.77 -24.13
CA ARG A 288 15.35 25.17 -24.32
C ARG A 288 16.83 25.28 -24.66
N LYS B 1 -4.57 -23.88 -15.14
CA LYS B 1 -5.26 -24.97 -14.47
C LYS B 1 -4.29 -26.05 -14.01
N TYR B 2 -3.01 -25.71 -13.97
CA TYR B 2 -1.98 -26.68 -13.59
C TYR B 2 -1.86 -26.84 -12.09
N ARG B 3 -1.53 -25.71 -11.45
CA ARG B 3 -1.25 -25.66 -10.02
C ARG B 3 -2.45 -26.08 -9.20
N VAL B 4 -2.26 -27.14 -8.43
CA VAL B 4 -3.33 -27.63 -7.56
C VAL B 4 -3.09 -27.23 -6.12
N ARG B 5 -4.09 -26.57 -5.52
CA ARG B 5 -3.99 -26.21 -4.11
C ARG B 5 -4.62 -27.33 -3.30
N LYS B 6 -3.85 -27.90 -2.38
CA LYS B 6 -4.26 -29.11 -1.70
C LYS B 6 -4.71 -28.87 -0.27
N ASN B 7 -5.59 -29.75 0.21
CA ASN B 7 -5.96 -29.77 1.61
C ASN B 7 -4.71 -30.04 2.45
N VAL B 8 -4.50 -29.24 3.50
CA VAL B 8 -3.38 -29.40 4.41
C VAL B 8 -3.19 -30.86 4.83
N LEU B 9 -4.29 -31.52 5.15
CA LEU B 9 -4.28 -32.92 5.57
C LEU B 9 -3.87 -33.89 4.46
N HIS B 10 -3.88 -33.42 3.22
CA HIS B 10 -3.49 -34.26 2.08
C HIS B 10 -2.03 -34.07 1.71
N LEU B 11 -1.34 -33.17 2.40
CA LEU B 11 0.05 -32.90 2.10
C LEU B 11 0.94 -34.02 2.62
N THR B 12 2.01 -34.32 1.89
CA THR B 12 3.00 -35.26 2.38
C THR B 12 3.88 -34.54 3.38
N ASP B 13 4.65 -35.30 4.16
CA ASP B 13 5.61 -34.73 5.08
C ASP B 13 6.61 -33.84 4.33
N THR B 14 6.99 -34.28 3.14
CA THR B 14 7.92 -33.53 2.30
C THR B 14 7.30 -32.23 1.81
N GLU B 15 6.05 -32.31 1.32
CA GLU B 15 5.32 -31.14 0.85
C GLU B 15 5.18 -30.08 1.94
N LYS B 16 4.98 -30.52 3.17
CA LYS B 16 4.85 -29.61 4.30
C LYS B 16 6.18 -28.95 4.62
N ARG B 17 7.23 -29.76 4.64
CA ARG B 17 8.60 -29.29 4.86
C ARG B 17 8.99 -28.22 3.86
N ASP B 18 8.66 -28.44 2.59
CA ASP B 18 9.00 -27.51 1.52
C ASP B 18 8.25 -26.19 1.65
N PHE B 19 6.97 -26.27 1.97
CA PHE B 19 6.15 -25.07 2.18
C PHE B 19 6.73 -24.19 3.29
N VAL B 20 6.91 -24.79 4.45
CA VAL B 20 7.57 -24.13 5.58
C VAL B 20 8.88 -23.46 5.16
N ARG B 21 9.73 -24.23 4.47
CA ARG B 21 11.04 -23.74 4.04
C ARG B 21 10.92 -22.59 3.05
N THR B 22 9.91 -22.64 2.18
CA THR B 22 9.70 -21.61 1.18
C THR B 22 9.18 -20.33 1.84
N VAL B 23 8.39 -20.49 2.88
CA VAL B 23 7.84 -19.34 3.60
C VAL B 23 8.97 -18.65 4.36
N LEU B 24 9.87 -19.45 4.94
CA LEU B 24 11.01 -18.92 5.66
C LEU B 24 11.96 -18.15 4.74
N ILE B 25 12.09 -18.63 3.50
CA ILE B 25 12.91 -17.96 2.50
C ILE B 25 12.31 -16.62 2.11
N LEU B 26 11.02 -16.62 1.79
CA LEU B 26 10.29 -15.39 1.47
C LEU B 26 10.39 -14.39 2.61
N LYS B 27 10.39 -14.89 3.84
CA LYS B 27 10.51 -14.04 5.02
C LYS B 27 11.93 -13.49 5.11
N GLU B 28 12.91 -14.35 4.82
CA GLU B 28 14.32 -13.99 4.86
C GLU B 28 14.65 -12.93 3.81
N LYS B 29 14.00 -13.02 2.65
CA LYS B 29 14.28 -12.09 1.56
C LYS B 29 13.66 -10.71 1.77
N GLY B 30 12.67 -10.62 2.66
CA GLY B 30 11.98 -9.36 2.91
C GLY B 30 10.68 -9.26 2.13
N ILE B 31 10.36 -10.31 1.38
CA ILE B 31 9.16 -10.34 0.56
C ILE B 31 7.90 -10.56 1.39
N TYR B 32 7.99 -11.43 2.40
CA TYR B 32 6.84 -11.72 3.26
C TYR B 32 6.26 -10.46 3.89
N ASP B 33 7.13 -9.57 4.39
CA ASP B 33 6.71 -8.32 5.01
C ASP B 33 5.85 -7.44 4.10
N ARG B 34 6.07 -7.54 2.79
CA ARG B 34 5.29 -6.79 1.82
C ARG B 34 3.81 -7.16 1.91
N TYR B 35 3.54 -8.43 2.22
CA TYR B 35 2.16 -8.91 2.32
C TYR B 35 1.50 -8.48 3.62
N ILE B 36 2.26 -8.47 4.71
CA ILE B 36 1.74 -7.97 5.98
C ILE B 36 1.35 -6.51 5.82
N ALA B 37 2.20 -5.75 5.15
CA ALA B 37 1.98 -4.31 4.94
C ALA B 37 0.81 -4.02 4.01
N TRP B 38 0.70 -4.78 2.93
CA TRP B 38 -0.37 -4.60 1.96
C TRP B 38 -1.73 -4.76 2.63
N HIS B 39 -1.83 -5.79 3.46
CA HIS B 39 -3.07 -6.13 4.15
C HIS B 39 -3.48 -5.04 5.13
N GLY B 40 -2.52 -4.54 5.89
CA GLY B 40 -2.77 -3.46 6.84
C GLY B 40 -3.14 -2.15 6.17
N ALA B 41 -2.50 -1.88 5.03
CA ALA B 41 -2.74 -0.64 4.28
C ALA B 41 -4.15 -0.62 3.70
N ALA B 42 -4.61 -1.77 3.23
CA ALA B 42 -5.95 -1.87 2.64
C ALA B 42 -7.02 -1.73 3.71
N GLY B 43 -6.71 -2.19 4.92
CA GLY B 43 -7.64 -2.12 6.03
C GLY B 43 -7.95 -0.70 6.45
N LYS B 44 -7.02 0.21 6.16
CA LYS B 44 -7.15 1.60 6.54
C LYS B 44 -7.58 2.47 5.36
N PHE B 45 -7.87 1.83 4.23
CA PHE B 45 -8.30 2.53 3.03
C PHE B 45 -9.82 2.44 2.84
N HIS B 46 -10.54 3.48 3.25
CA HIS B 46 -12.00 3.39 3.30
C HIS B 46 -12.69 3.81 2.01
N THR B 47 -13.76 3.11 1.68
CA THR B 47 -14.48 3.30 0.43
C THR B 47 -15.97 3.53 0.67
N PRO B 48 -16.39 4.80 0.74
CA PRO B 48 -15.58 6.02 0.64
C PRO B 48 -15.01 6.43 2.00
N PRO B 49 -14.19 7.48 2.05
CA PRO B 49 -13.73 7.99 3.35
C PRO B 49 -14.90 8.27 4.30
N GLY B 50 -14.72 7.98 5.58
CA GLY B 50 -15.78 8.16 6.56
C GLY B 50 -16.71 6.96 6.68
N SER B 51 -16.53 5.97 5.80
CA SER B 51 -17.32 4.75 5.85
C SER B 51 -16.60 3.66 6.62
N ASP B 52 -17.31 2.60 6.99
CA ASP B 52 -16.70 1.49 7.73
C ASP B 52 -16.27 0.38 6.78
N ARG B 53 -16.50 0.58 5.48
CA ARG B 53 -15.91 -0.28 4.47
C ARG B 53 -14.45 0.08 4.27
N ASN B 54 -13.61 -0.92 3.99
CA ASN B 54 -12.26 -0.65 3.51
C ASN B 54 -11.98 -1.50 2.28
N ALA B 55 -10.82 -1.30 1.67
CA ALA B 55 -10.48 -1.95 0.41
C ALA B 55 -10.55 -3.48 0.48
N ALA B 56 -10.19 -4.04 1.63
CA ALA B 56 -10.03 -5.49 1.74
C ALA B 56 -11.10 -6.18 2.59
N HIS B 57 -11.89 -5.40 3.32
CA HIS B 57 -12.85 -5.99 4.26
C HIS B 57 -14.15 -5.21 4.38
N MET B 58 -15.14 -5.86 4.99
CA MET B 58 -16.42 -5.24 5.32
C MET B 58 -17.11 -4.65 4.08
N SER B 59 -16.87 -5.27 2.95
CA SER B 59 -17.46 -4.86 1.68
C SER B 59 -17.25 -5.89 0.60
N SER B 60 -17.83 -5.66 -0.57
CA SER B 60 -17.84 -6.66 -1.65
C SER B 60 -16.46 -7.12 -2.10
N ALA B 61 -15.48 -6.22 -2.04
CA ALA B 61 -14.14 -6.54 -2.53
C ALA B 61 -13.41 -7.56 -1.65
N PHE B 62 -14.00 -7.89 -0.49
CA PHE B 62 -13.37 -8.80 0.46
C PHE B 62 -12.83 -10.09 -0.17
N LEU B 63 -13.65 -10.73 -0.98
CA LEU B 63 -13.26 -11.99 -1.62
C LEU B 63 -12.24 -11.79 -2.78
N PRO B 64 -12.56 -10.95 -3.78
CA PRO B 64 -11.55 -10.80 -4.85
C PRO B 64 -10.23 -10.20 -4.36
N TRP B 65 -10.27 -9.36 -3.33
CA TRP B 65 -9.05 -8.73 -2.84
C TRP B 65 -8.09 -9.77 -2.27
N HIS B 66 -8.62 -10.69 -1.47
CA HIS B 66 -7.78 -11.70 -0.85
C HIS B 66 -7.37 -12.77 -1.84
N ARG B 67 -8.18 -12.95 -2.89
CA ARG B 67 -7.82 -13.87 -3.95
C ARG B 67 -6.58 -13.37 -4.70
N GLU B 68 -6.58 -12.08 -5.02
CA GLU B 68 -5.42 -11.42 -5.62
C GLU B 68 -4.23 -11.51 -4.67
N TYR B 69 -4.51 -11.24 -3.40
CA TYR B 69 -3.51 -11.31 -2.34
C TYR B 69 -2.82 -12.67 -2.32
N LEU B 70 -3.62 -13.73 -2.29
CA LEU B 70 -3.10 -15.09 -2.30
C LEU B 70 -2.40 -15.45 -3.60
N LEU B 71 -2.94 -14.98 -4.72
CA LEU B 71 -2.35 -15.22 -6.03
C LEU B 71 -0.93 -14.69 -6.12
N ARG B 72 -0.74 -13.43 -5.74
CA ARG B 72 0.60 -12.83 -5.74
C ARG B 72 1.52 -13.57 -4.77
N PHE B 73 0.97 -13.95 -3.62
CA PHE B 73 1.74 -14.69 -2.63
C PHE B 73 2.21 -16.04 -3.16
N GLU B 74 1.29 -16.76 -3.80
CA GLU B 74 1.60 -18.08 -4.34
C GLU B 74 2.72 -17.97 -5.38
N ARG B 75 2.59 -17.01 -6.29
CA ARG B 75 3.61 -16.74 -7.31
C ARG B 75 5.00 -16.50 -6.69
N ASP B 76 5.04 -15.76 -5.59
CA ASP B 76 6.28 -15.58 -4.85
C ASP B 76 6.87 -16.88 -4.31
N LEU B 77 6.01 -17.79 -3.83
CA LEU B 77 6.46 -19.09 -3.33
C LEU B 77 7.19 -19.83 -4.42
N GLN B 78 6.61 -19.71 -5.61
CA GLN B 78 7.04 -20.30 -6.87
C GLN B 78 8.40 -19.90 -7.40
N SER B 79 8.71 -18.60 -7.32
CA SER B 79 10.01 -18.09 -7.73
C SER B 79 11.08 -18.77 -6.88
N ILE B 80 10.67 -19.20 -5.70
CA ILE B 80 11.57 -19.89 -4.79
C ILE B 80 11.55 -21.40 -5.05
N ASN B 81 10.37 -21.94 -5.37
CA ASN B 81 10.20 -23.36 -5.61
C ASN B 81 8.93 -23.63 -6.41
N PRO B 82 9.09 -23.94 -7.70
CA PRO B 82 7.96 -24.18 -8.62
C PRO B 82 7.10 -25.37 -8.23
N GLU B 83 7.52 -26.15 -7.24
CA GLU B 83 6.77 -27.30 -6.77
C GLU B 83 5.85 -26.93 -5.60
N VAL B 84 5.95 -25.69 -5.14
CA VAL B 84 5.18 -25.26 -3.98
C VAL B 84 3.94 -24.46 -4.37
N THR B 85 2.78 -24.93 -3.93
CA THR B 85 1.53 -24.21 -4.11
C THR B 85 0.96 -23.88 -2.73
N LEU B 86 -0.06 -23.04 -2.69
CA LEU B 86 -0.67 -22.65 -1.42
C LEU B 86 -1.72 -23.67 -0.98
N PRO B 87 -1.46 -24.41 0.11
CA PRO B 87 -2.46 -25.37 0.57
C PRO B 87 -3.63 -24.65 1.24
N TYR B 88 -4.65 -25.37 1.67
CA TYR B 88 -5.73 -24.73 2.40
C TYR B 88 -6.07 -25.47 3.68
N TRP B 89 -6.46 -24.71 4.69
CA TRP B 89 -6.84 -25.27 5.97
C TRP B 89 -8.35 -25.39 6.05
N GLU B 90 -8.85 -26.60 5.90
CA GLU B 90 -10.28 -26.86 5.92
C GLU B 90 -10.80 -26.88 7.36
N TRP B 91 -10.93 -25.69 7.94
CA TRP B 91 -11.32 -25.55 9.34
C TRP B 91 -12.74 -26.05 9.63
N GLU B 92 -13.53 -26.30 8.59
CA GLU B 92 -14.89 -26.77 8.80
C GLU B 92 -14.91 -28.24 9.20
N THR B 93 -13.89 -28.98 8.79
CA THR B 93 -13.76 -30.39 9.18
C THR B 93 -12.99 -30.56 10.49
N ASP B 94 -12.15 -29.59 10.83
CA ASP B 94 -11.36 -29.66 12.07
C ASP B 94 -12.16 -29.48 13.36
N ALA B 95 -13.17 -28.62 13.33
CA ALA B 95 -14.04 -28.42 14.50
C ALA B 95 -14.79 -29.70 14.87
N GLN B 96 -14.88 -30.62 13.91
CA GLN B 96 -15.54 -31.91 14.15
C GLN B 96 -14.70 -32.74 15.11
N MET B 97 -13.42 -32.45 15.20
CA MET B 97 -12.57 -33.10 16.18
C MET B 97 -12.97 -32.68 17.58
N GLN B 98 -12.69 -33.55 18.55
CA GLN B 98 -12.96 -33.23 19.95
C GLN B 98 -12.12 -32.04 20.41
N ASP B 99 -10.87 -32.04 19.99
CA ASP B 99 -9.93 -30.98 20.33
C ASP B 99 -9.22 -30.53 19.06
N PRO B 100 -9.71 -29.45 18.43
CA PRO B 100 -9.18 -28.93 17.17
C PRO B 100 -7.69 -28.59 17.21
N SER B 101 -7.17 -28.30 18.41
CA SER B 101 -5.75 -27.99 18.56
C SER B 101 -4.87 -29.21 18.33
N GLN B 102 -5.48 -30.39 18.26
CA GLN B 102 -4.76 -31.63 18.03
C GLN B 102 -4.58 -31.89 16.54
N SER B 103 -5.28 -31.12 15.72
CA SER B 103 -5.21 -31.28 14.27
C SER B 103 -3.75 -31.28 13.81
N GLN B 104 -3.47 -32.04 12.76
CA GLN B 104 -2.11 -32.19 12.26
C GLN B 104 -1.49 -30.87 11.80
N ILE B 105 -2.33 -29.92 11.41
CA ILE B 105 -1.86 -28.61 10.97
C ILE B 105 -1.01 -27.92 12.04
N TRP B 106 -1.25 -28.19 13.30
CA TRP B 106 -0.50 -27.60 14.38
C TRP B 106 0.69 -28.36 14.88
N SER B 107 1.15 -29.28 14.03
CA SER B 107 2.31 -30.11 14.34
C SER B 107 3.57 -29.28 14.24
N ALA B 108 4.54 -29.59 15.09
CA ALA B 108 5.80 -28.89 15.12
C ALA B 108 6.52 -28.83 13.81
N ASP B 109 6.12 -29.68 12.88
CA ASP B 109 6.73 -29.73 11.56
C ASP B 109 5.95 -28.93 10.52
N PHE B 110 4.93 -28.20 10.95
CA PHE B 110 4.12 -27.43 10.01
C PHE B 110 3.85 -25.99 10.42
N MET B 111 2.87 -25.81 11.29
CA MET B 111 2.50 -24.48 11.73
C MET B 111 2.87 -24.24 13.15
N GLY B 112 3.15 -25.29 13.86
CA GLY B 112 3.43 -25.18 15.28
C GLY B 112 2.13 -25.16 16.04
N GLY B 113 2.21 -25.16 17.37
CA GLY B 113 1.02 -25.34 18.17
C GLY B 113 0.43 -24.07 18.75
N ASN B 114 -0.45 -24.25 19.73
CA ASN B 114 -1.11 -23.15 20.41
C ASN B 114 -0.10 -22.35 21.22
N GLY B 115 -0.52 -21.22 21.76
CA GLY B 115 0.39 -20.38 22.54
C GLY B 115 0.63 -20.95 23.92
N ASN B 116 1.83 -20.73 24.43
CA ASN B 116 2.19 -21.16 25.78
C ASN B 116 1.69 -20.14 26.79
N PRO B 117 0.73 -20.54 27.63
CA PRO B 117 0.09 -19.63 28.59
C PRO B 117 1.06 -19.03 29.59
N ILE B 118 2.14 -19.76 29.86
CA ILE B 118 3.17 -19.28 30.78
C ILE B 118 3.94 -18.11 30.16
N LYS B 119 4.00 -18.10 28.83
CA LYS B 119 4.73 -17.06 28.10
C LYS B 119 3.80 -16.10 27.36
N ASP B 120 2.68 -15.76 27.98
CA ASP B 120 1.70 -14.83 27.41
C ASP B 120 1.18 -15.32 26.07
N PHE B 121 1.10 -16.65 25.94
CA PHE B 121 0.53 -17.31 24.76
C PHE B 121 1.42 -17.11 23.54
N ILE B 122 2.71 -16.93 23.78
CA ILE B 122 3.72 -16.95 22.73
C ILE B 122 3.80 -18.36 22.15
N VAL B 123 3.92 -18.46 20.84
CA VAL B 123 4.09 -19.76 20.20
C VAL B 123 5.55 -20.18 20.36
N ASP B 124 5.76 -21.31 21.03
CA ASP B 124 7.12 -21.78 21.31
C ASP B 124 7.37 -23.16 20.69
N THR B 125 6.47 -23.58 19.82
CA THR B 125 6.66 -24.83 19.10
C THR B 125 6.55 -24.59 17.60
N GLY B 126 7.36 -25.32 16.84
CA GLY B 126 7.33 -25.24 15.39
C GLY B 126 8.34 -24.25 14.83
N PRO B 127 8.35 -24.15 13.52
CA PRO B 127 9.27 -23.29 12.80
C PRO B 127 9.05 -21.81 12.96
N PHE B 128 7.83 -21.41 13.28
CA PHE B 128 7.48 -20.01 13.47
C PHE B 128 7.42 -19.55 14.92
N ALA B 129 7.99 -20.35 15.79
CA ALA B 129 8.06 -20.00 17.19
C ALA B 129 8.92 -18.77 17.40
N ALA B 130 8.67 -18.04 18.48
CA ALA B 130 9.46 -16.86 18.83
C ALA B 130 10.94 -17.18 18.90
N GLY B 131 11.77 -16.32 18.32
CA GLY B 131 13.19 -16.56 18.23
C GLY B 131 13.59 -17.18 16.91
N ARG B 132 12.61 -17.74 16.21
CA ARG B 132 12.82 -18.33 14.89
C ARG B 132 12.09 -17.52 13.83
N TRP B 133 11.17 -16.67 14.28
CA TRP B 133 10.26 -15.95 13.40
C TRP B 133 9.93 -14.60 14.03
N THR B 134 10.35 -13.53 13.39
CA THR B 134 10.14 -12.19 13.91
C THR B 134 8.80 -11.63 13.43
N THR B 135 8.16 -10.87 14.31
CA THR B 135 6.88 -10.29 14.01
C THR B 135 6.85 -8.76 14.06
N ILE B 136 5.87 -8.17 13.40
CA ILE B 136 5.69 -6.74 13.42
C ILE B 136 4.27 -6.35 13.85
N ASP B 137 4.15 -5.21 14.50
CA ASP B 137 2.90 -4.70 15.03
C ASP B 137 2.12 -3.86 14.03
N GLU B 138 0.97 -3.37 14.45
CA GLU B 138 0.09 -2.55 13.61
C GLU B 138 0.81 -1.36 12.99
N GLN B 139 1.84 -0.85 13.67
CA GLN B 139 2.55 0.33 13.21
C GLN B 139 3.74 0.01 12.32
N GLY B 140 3.95 -1.28 12.05
CA GLY B 140 5.02 -1.70 11.14
C GLY B 140 6.36 -1.85 11.83
N ASN B 141 6.34 -1.92 13.16
CA ASN B 141 7.57 -2.11 13.93
C ASN B 141 7.62 -3.50 14.58
N PRO B 142 8.84 -4.03 14.79
CA PRO B 142 9.03 -5.35 15.41
C PRO B 142 8.26 -5.51 16.72
N SER B 143 7.62 -6.66 16.91
CA SER B 143 6.68 -6.82 18.02
C SER B 143 7.04 -7.91 19.02
N GLY B 144 8.04 -8.71 18.73
CA GLY B 144 8.58 -9.61 19.74
C GLY B 144 8.16 -11.08 19.71
N GLY B 145 7.37 -11.49 18.74
CA GLY B 145 7.02 -12.90 18.62
C GLY B 145 5.57 -13.23 18.33
N LEU B 146 5.37 -14.35 17.63
CA LEU B 146 4.04 -14.82 17.28
C LEU B 146 3.26 -15.29 18.51
N LYS B 147 1.97 -14.96 18.55
CA LYS B 147 1.10 -15.43 19.62
C LYS B 147 -0.13 -16.12 19.06
N ARG B 148 -0.66 -17.06 19.84
CA ARG B 148 -1.86 -17.80 19.49
C ARG B 148 -2.58 -18.17 20.78
N ASN B 149 -3.92 -18.20 20.73
CA ASN B 149 -4.68 -18.61 21.91
C ASN B 149 -6.03 -19.16 21.49
N PHE B 150 -6.04 -20.43 21.09
CA PHE B 150 -7.22 -21.09 20.52
C PHE B 150 -8.46 -21.00 21.41
N GLY B 151 -9.57 -20.58 20.82
CA GLY B 151 -10.85 -20.45 21.49
C GLY B 151 -10.83 -19.84 22.88
N ALA B 152 -10.09 -18.75 23.04
CA ALA B 152 -9.95 -18.12 24.35
C ALA B 152 -10.98 -17.03 24.65
N THR B 153 -11.88 -16.77 23.70
CA THR B 153 -12.85 -15.70 23.87
C THR B 153 -14.26 -16.22 23.65
N LYS B 154 -15.21 -15.63 24.38
CA LYS B 154 -16.59 -16.11 24.41
C LYS B 154 -17.33 -16.02 23.06
N GLU B 155 -16.95 -15.06 22.23
CA GLU B 155 -17.64 -14.85 20.95
C GLU B 155 -17.34 -15.92 19.90
N ALA B 156 -16.18 -16.57 20.01
CA ALA B 156 -15.80 -17.61 19.08
C ALA B 156 -14.99 -18.72 19.76
N PRO B 157 -15.62 -19.44 20.65
CA PRO B 157 -14.95 -20.51 21.34
C PRO B 157 -14.71 -21.72 20.46
N THR B 158 -15.29 -21.73 19.28
CA THR B 158 -15.31 -22.90 18.40
C THR B 158 -15.20 -22.49 16.94
N LEU B 159 -14.62 -23.38 16.13
CA LEU B 159 -14.45 -23.13 14.71
C LEU B 159 -15.75 -23.38 13.94
N PRO B 160 -15.92 -22.70 12.79
CA PRO B 160 -17.11 -22.89 11.95
C PRO B 160 -17.29 -24.35 11.52
N THR B 161 -18.53 -24.75 11.29
CA THR B 161 -18.86 -26.12 10.97
C THR B 161 -19.14 -26.33 9.48
N ARG B 162 -19.20 -27.58 9.06
CA ARG B 162 -19.53 -27.93 7.68
C ARG B 162 -20.93 -27.42 7.34
N ASP B 163 -21.82 -27.44 8.33
CA ASP B 163 -23.17 -26.95 8.16
C ASP B 163 -23.16 -25.46 7.85
N ASP B 164 -22.33 -24.71 8.58
CA ASP B 164 -22.14 -23.28 8.34
C ASP B 164 -21.72 -22.97 6.90
N VAL B 165 -20.80 -23.77 6.37
CA VAL B 165 -20.32 -23.56 5.01
C VAL B 165 -21.41 -23.89 4.00
N LEU B 166 -22.10 -25.00 4.23
CA LEU B 166 -23.18 -25.43 3.35
C LEU B 166 -24.24 -24.34 3.26
N ASN B 167 -24.67 -23.85 4.42
CA ASN B 167 -25.68 -22.81 4.49
C ASN B 167 -25.23 -21.60 3.68
N ALA B 168 -23.99 -21.18 3.91
CA ALA B 168 -23.42 -20.05 3.20
C ALA B 168 -23.45 -20.27 1.69
N LEU B 169 -23.17 -21.51 1.28
CA LEU B 169 -23.14 -21.87 -0.14
C LEU B 169 -24.53 -21.82 -0.77
N LYS B 170 -25.57 -21.82 0.05
CA LYS B 170 -26.92 -21.78 -0.41
C LYS B 170 -27.32 -20.42 -0.92
N ILE B 171 -26.77 -19.38 -0.30
CA ILE B 171 -27.08 -17.99 -0.64
C ILE B 171 -26.98 -17.73 -2.15
N THR B 172 -28.01 -17.12 -2.72
CA THR B 172 -28.06 -16.89 -4.16
C THR B 172 -27.28 -15.68 -4.65
N GLN B 173 -27.30 -14.60 -3.89
CA GLN B 173 -26.60 -13.38 -4.29
C GLN B 173 -25.19 -13.32 -3.73
N TYR B 174 -24.24 -12.91 -4.56
CA TYR B 174 -22.87 -12.69 -4.11
C TYR B 174 -22.86 -11.65 -2.99
N ASP B 175 -23.50 -10.52 -3.25
CA ASP B 175 -23.59 -9.45 -2.27
C ASP B 175 -24.79 -8.56 -2.57
N THR B 176 -25.14 -7.71 -1.60
CA THR B 176 -26.30 -6.85 -1.71
C THR B 176 -26.00 -5.48 -1.11
N PRO B 177 -26.69 -4.43 -1.57
CA PRO B 177 -26.51 -3.12 -0.95
C PRO B 177 -26.92 -3.17 0.51
N PRO B 178 -26.33 -2.32 1.36
CA PRO B 178 -25.34 -1.27 1.06
C PRO B 178 -23.88 -1.75 0.97
N TRP B 179 -23.67 -2.97 0.50
CA TRP B 179 -22.33 -3.53 0.29
C TRP B 179 -21.41 -3.35 1.48
N ASP B 180 -21.87 -3.74 2.67
CA ASP B 180 -21.07 -3.58 3.88
C ASP B 180 -21.41 -4.63 4.94
N MET B 181 -21.04 -4.30 6.18
CA MET B 181 -21.29 -5.14 7.34
C MET B 181 -22.73 -5.58 7.50
N THR B 182 -23.65 -4.79 6.96
CA THR B 182 -25.07 -5.00 7.20
C THR B 182 -25.81 -5.70 6.06
N SER B 183 -25.09 -6.03 4.99
CA SER B 183 -25.70 -6.68 3.83
C SER B 183 -26.36 -8.00 4.22
N GLN B 184 -27.59 -8.19 3.74
CA GLN B 184 -28.34 -9.41 4.02
C GLN B 184 -28.49 -10.25 2.75
N ASN B 185 -28.70 -11.55 2.91
CA ASN B 185 -28.77 -12.50 1.80
C ASN B 185 -27.59 -12.34 0.86
N SER B 186 -26.42 -12.16 1.44
CA SER B 186 -25.19 -11.88 0.70
C SER B 186 -24.15 -12.96 0.99
N PHE B 187 -23.74 -13.68 -0.04
CA PHE B 187 -22.73 -14.72 0.13
C PHE B 187 -21.43 -14.13 0.67
N ARG B 188 -21.06 -12.96 0.14
CA ARG B 188 -19.85 -12.28 0.56
C ARG B 188 -19.91 -11.95 2.05
N ASN B 189 -20.97 -11.28 2.47
CA ASN B 189 -21.13 -10.91 3.87
C ASN B 189 -21.26 -12.13 4.77
N GLN B 190 -22.03 -13.13 4.31
CA GLN B 190 -22.20 -14.37 5.05
C GLN B 190 -20.87 -15.08 5.26
N LEU B 191 -20.12 -15.27 4.17
CA LEU B 191 -18.83 -15.95 4.25
C LEU B 191 -17.82 -15.13 5.04
N GLU B 192 -17.80 -13.81 4.79
CA GLU B 192 -16.97 -12.90 5.57
C GLU B 192 -17.21 -13.14 7.06
N GLY B 193 -18.48 -13.15 7.45
CA GLY B 193 -18.84 -13.55 8.80
C GLY B 193 -19.51 -12.49 9.65
N PHE B 194 -20.34 -11.66 9.03
CA PHE B 194 -20.95 -10.57 9.77
C PHE B 194 -22.42 -10.86 10.11
N ILE B 195 -22.93 -11.98 9.62
CA ILE B 195 -24.27 -12.42 9.98
C ILE B 195 -24.21 -13.16 11.32
N ASN B 196 -24.77 -12.55 12.36
CA ASN B 196 -24.67 -13.07 13.73
C ASN B 196 -23.22 -13.31 14.13
N GLY B 197 -22.34 -12.42 13.71
CA GLY B 197 -20.91 -12.63 13.85
C GLY B 197 -20.43 -12.70 15.29
N PRO B 198 -19.23 -13.25 15.50
CA PRO B 198 -18.38 -13.76 14.42
C PRO B 198 -18.75 -15.16 13.95
N GLN B 199 -18.84 -15.32 12.63
CA GLN B 199 -19.12 -16.60 12.01
C GLN B 199 -18.15 -16.80 10.86
N LEU B 200 -17.96 -18.02 10.43
CA LEU B 200 -17.15 -18.30 9.30
C LEU B 200 -15.77 -17.67 9.31
N HIS B 201 -15.43 -16.95 8.26
CA HIS B 201 -14.13 -16.27 8.15
C HIS B 201 -13.74 -15.47 9.39
N ASN B 202 -14.60 -14.55 9.81
CA ASN B 202 -14.33 -13.74 10.99
C ASN B 202 -14.15 -14.58 12.25
N ARG B 203 -14.90 -15.67 12.33
CA ARG B 203 -14.84 -16.56 13.50
C ARG B 203 -13.49 -17.25 13.63
N VAL B 204 -12.96 -17.73 12.50
CA VAL B 204 -11.65 -18.37 12.48
C VAL B 204 -10.58 -17.46 13.07
N HIS B 205 -10.49 -16.24 12.55
CA HIS B 205 -9.57 -15.23 13.07
C HIS B 205 -9.68 -15.08 14.59
N ARG B 206 -10.88 -14.88 15.08
CA ARG B 206 -11.17 -14.72 16.50
C ARG B 206 -10.83 -15.99 17.31
N TRP B 207 -11.07 -17.13 16.71
CA TRP B 207 -10.74 -18.40 17.36
C TRP B 207 -9.25 -18.58 17.59
N VAL B 208 -8.46 -18.38 16.53
CA VAL B 208 -7.01 -18.54 16.61
C VAL B 208 -6.40 -17.65 17.67
N GLY B 209 -6.76 -16.37 17.65
CA GLY B 209 -6.24 -15.41 18.62
C GLY B 209 -4.89 -14.88 18.19
N GLY B 210 -4.19 -14.26 19.14
CA GLY B 210 -2.90 -13.65 18.84
C GLY B 210 -2.99 -12.63 17.74
N GLN B 211 -1.99 -12.60 16.87
CA GLN B 211 -1.97 -11.66 15.75
C GLN B 211 -3.15 -11.89 14.81
N MET B 212 -3.56 -13.15 14.69
CA MET B 212 -4.68 -13.52 13.82
C MET B 212 -5.99 -12.89 14.28
N GLY B 213 -6.02 -12.47 15.55
CA GLY B 213 -7.22 -11.91 16.14
C GLY B 213 -7.50 -10.45 15.82
N VAL B 214 -6.54 -9.76 15.22
CA VAL B 214 -6.75 -8.38 14.79
C VAL B 214 -6.34 -8.21 13.32
N VAL B 215 -7.10 -7.37 12.62
CA VAL B 215 -6.94 -7.10 11.20
C VAL B 215 -5.57 -6.66 10.67
N PRO B 216 -4.92 -5.71 11.33
CA PRO B 216 -3.63 -5.24 10.79
C PRO B 216 -2.44 -6.19 10.98
N THR B 217 -2.50 -7.13 11.92
CA THR B 217 -1.35 -7.99 12.19
C THR B 217 -1.57 -9.46 11.88
N ALA B 218 -2.75 -9.81 11.38
CA ALA B 218 -3.09 -11.21 11.11
C ALA B 218 -2.09 -11.97 10.21
N PRO B 219 -1.59 -11.34 9.11
CA PRO B 219 -0.63 -12.08 8.28
C PRO B 219 0.72 -12.39 8.94
N ASN B 220 0.99 -11.85 10.13
CA ASN B 220 2.18 -12.23 10.89
C ASN B 220 2.24 -13.74 11.14
N ASP B 221 1.06 -14.35 11.15
CA ASP B 221 0.93 -15.79 11.35
C ASP B 221 0.78 -16.45 9.98
N PRO B 222 1.80 -17.32 9.61
CA PRO B 222 1.64 -17.91 8.27
C PRO B 222 0.30 -18.61 8.03
N VAL B 223 -0.30 -19.18 9.07
CA VAL B 223 -1.56 -19.88 8.93
C VAL B 223 -2.66 -18.98 8.34
N PHE B 224 -2.40 -17.67 8.31
CA PHE B 224 -3.32 -16.71 7.72
C PHE B 224 -3.61 -17.05 6.27
N PHE B 225 -2.58 -17.51 5.56
CA PHE B 225 -2.70 -17.83 4.15
C PHE B 225 -3.41 -19.16 3.95
N LEU B 226 -3.22 -20.07 4.90
CA LEU B 226 -3.92 -21.35 4.87
C LEU B 226 -5.41 -21.12 5.13
N HIS B 227 -5.69 -20.21 6.06
CA HIS B 227 -7.07 -19.83 6.37
C HIS B 227 -7.78 -19.27 5.15
N HIS B 228 -7.18 -18.26 4.53
CA HIS B 228 -7.81 -17.57 3.40
C HIS B 228 -7.86 -18.39 2.12
N ALA B 229 -6.93 -19.34 1.97
CA ALA B 229 -7.00 -20.26 0.84
C ALA B 229 -8.30 -21.06 0.91
N ASN B 230 -8.67 -21.44 2.13
CA ASN B 230 -9.93 -22.15 2.36
C ASN B 230 -11.12 -21.26 2.04
N VAL B 231 -11.05 -19.99 2.44
CA VAL B 231 -12.09 -19.02 2.12
C VAL B 231 -12.23 -18.87 0.61
N ASP B 232 -11.08 -18.79 -0.08
CA ASP B 232 -11.07 -18.68 -1.52
C ASP B 232 -11.63 -19.94 -2.16
N ARG B 233 -11.32 -21.08 -1.56
CA ARG B 233 -11.86 -22.36 -2.03
C ARG B 233 -13.38 -22.40 -1.94
N ILE B 234 -13.91 -21.94 -0.80
CA ILE B 234 -15.36 -21.89 -0.58
C ILE B 234 -16.03 -20.99 -1.61
N TRP B 235 -15.43 -19.87 -1.72
CA TRP B 235 -15.97 -18.96 -2.73
C TRP B 235 -16.04 -19.67 -4.08
N ALA B 236 -14.85 -20.21 -4.55
CA ALA B 236 -14.72 -20.94 -5.81
C ALA B 236 -15.84 -21.97 -5.96
N VAL B 237 -16.08 -22.72 -4.89
CA VAL B 237 -17.18 -23.69 -4.84
C VAL B 237 -18.51 -23.01 -5.13
N TRP B 238 -18.75 -21.89 -4.45
CA TRP B 238 -19.95 -21.09 -4.65
C TRP B 238 -20.11 -20.66 -6.10
N GLN B 239 -18.99 -20.36 -6.76
CA GLN B 239 -19.01 -19.90 -8.14
C GLN B 239 -19.38 -21.02 -9.10
N ILE B 240 -19.00 -22.25 -8.76
CA ILE B 240 -19.36 -23.42 -9.56
C ILE B 240 -20.83 -23.76 -9.39
N ILE B 241 -21.29 -23.71 -8.14
CA ILE B 241 -22.70 -23.97 -7.85
C ILE B 241 -23.56 -22.91 -8.53
N HIS B 242 -23.22 -21.64 -8.29
CA HIS B 242 -23.95 -20.54 -8.88
C HIS B 242 -23.18 -19.99 -10.06
N ARG B 243 -23.11 -20.79 -11.13
CA ARG B 243 -22.29 -20.48 -12.30
C ARG B 243 -22.74 -19.26 -13.08
N ASN B 244 -24.04 -18.97 -13.01
CA ASN B 244 -24.58 -17.86 -13.78
C ASN B 244 -24.70 -16.59 -12.96
N GLN B 245 -24.35 -16.69 -11.68
CA GLN B 245 -24.27 -15.52 -10.81
C GLN B 245 -22.93 -14.82 -10.98
N ASN B 246 -22.95 -13.49 -10.95
CA ASN B 246 -21.74 -12.73 -11.18
C ASN B 246 -21.45 -11.77 -10.03
N TYR B 247 -20.25 -11.20 -10.02
CA TYR B 247 -19.85 -10.27 -8.98
C TYR B 247 -20.81 -9.09 -8.86
N GLN B 248 -21.01 -8.63 -7.63
CA GLN B 248 -21.81 -7.47 -7.35
C GLN B 248 -21.11 -6.64 -6.27
N PRO B 249 -21.15 -5.30 -6.39
CA PRO B 249 -21.87 -4.53 -7.41
C PRO B 249 -21.13 -4.42 -8.73
N MET B 250 -21.90 -4.24 -9.81
CA MET B 250 -21.35 -4.04 -11.14
C MET B 250 -21.04 -2.56 -11.34
N LYS B 251 -21.87 -1.73 -10.72
CA LYS B 251 -21.74 -0.28 -10.77
C LYS B 251 -22.60 0.33 -9.67
N ASN B 252 -22.33 1.60 -9.36
CA ASN B 252 -23.07 2.39 -8.37
C ASN B 252 -22.71 2.01 -6.94
N GLY B 253 -21.71 1.16 -6.78
CA GLY B 253 -21.12 0.92 -5.47
C GLY B 253 -20.03 1.95 -5.23
N PRO B 254 -19.47 1.97 -4.02
CA PRO B 254 -18.32 2.84 -3.73
C PRO B 254 -17.15 2.52 -4.65
N PHE B 255 -16.41 3.53 -5.08
CA PHE B 255 -15.24 3.32 -5.92
C PHE B 255 -14.25 2.39 -5.21
N GLY B 256 -13.84 1.33 -5.90
CA GLY B 256 -12.97 0.34 -5.31
C GLY B 256 -13.73 -0.94 -4.99
N GLN B 257 -15.06 -0.85 -5.07
CA GLN B 257 -15.92 -2.00 -4.77
C GLN B 257 -16.62 -2.54 -6.01
N ASN B 258 -16.60 -1.76 -7.09
CA ASN B 258 -17.27 -2.17 -8.32
C ASN B 258 -16.46 -3.17 -9.15
N PHE B 259 -17.16 -3.85 -10.06
CA PHE B 259 -16.59 -4.89 -10.90
C PHE B 259 -15.31 -4.47 -11.63
N ARG B 260 -15.29 -3.24 -12.13
CA ARG B 260 -14.15 -2.75 -12.91
C ARG B 260 -13.32 -1.71 -12.15
N ASP B 261 -13.38 -1.73 -10.83
CA ASP B 261 -12.60 -0.77 -10.05
C ASP B 261 -11.29 -1.38 -9.60
N PRO B 262 -10.22 -0.56 -9.57
CA PRO B 262 -8.96 -1.06 -9.03
C PRO B 262 -9.07 -1.26 -7.52
N MET B 263 -8.55 -2.38 -7.04
CA MET B 263 -8.59 -2.69 -5.61
C MET B 263 -7.27 -2.34 -4.94
N TYR B 264 -7.33 -1.45 -3.94
CA TYR B 264 -6.15 -1.03 -3.22
C TYR B 264 -5.46 -2.22 -2.53
N PRO B 265 -4.06 -2.29 -2.48
CA PRO B 265 -3.32 -1.18 -3.11
C PRO B 265 -2.80 -1.57 -4.48
N TRP B 266 -3.64 -2.19 -5.30
CA TRP B 266 -3.25 -2.59 -6.62
C TRP B 266 -4.12 -1.97 -7.70
N ASN B 267 -3.83 -2.30 -8.95
CA ASN B 267 -4.68 -1.90 -10.06
C ASN B 267 -5.64 -3.02 -10.44
N THR B 268 -5.42 -4.18 -9.84
CA THR B 268 -6.26 -5.35 -10.08
C THR B 268 -7.72 -5.07 -9.76
N THR B 269 -8.61 -5.48 -10.67
CA THR B 269 -10.04 -5.33 -10.48
C THR B 269 -10.67 -6.65 -10.03
N PRO B 270 -11.88 -6.61 -9.46
CA PRO B 270 -12.57 -7.86 -9.14
C PRO B 270 -12.73 -8.75 -10.36
N GLU B 271 -12.95 -8.14 -11.52
CA GLU B 271 -13.08 -8.88 -12.79
C GLU B 271 -11.83 -9.71 -13.08
N ASP B 272 -10.67 -9.11 -12.86
CA ASP B 272 -9.39 -9.75 -13.19
C ASP B 272 -9.16 -11.05 -12.43
N VAL B 273 -9.93 -11.29 -11.38
CA VAL B 273 -9.74 -12.48 -10.55
C VAL B 273 -11.05 -13.23 -10.33
N MET B 274 -12.05 -12.93 -11.15
CA MET B 274 -13.35 -13.56 -11.02
C MET B 274 -13.27 -15.06 -11.28
N ASN B 275 -12.57 -15.45 -12.35
CA ASN B 275 -12.38 -16.85 -12.66
C ASN B 275 -11.00 -17.31 -12.22
N HIS B 276 -10.95 -18.05 -11.10
CA HIS B 276 -9.69 -18.45 -10.49
C HIS B 276 -8.88 -19.41 -11.37
N ARG B 277 -9.58 -20.24 -12.15
CA ARG B 277 -8.90 -21.16 -13.05
C ARG B 277 -8.10 -20.40 -14.11
N LYS B 278 -8.61 -19.24 -14.51
CA LYS B 278 -7.90 -18.37 -15.45
C LYS B 278 -6.62 -17.82 -14.83
N LEU B 279 -6.53 -17.86 -13.50
CA LEU B 279 -5.36 -17.34 -12.79
C LEU B 279 -4.27 -18.39 -12.69
N GLY B 280 -4.56 -19.59 -13.15
CA GLY B 280 -3.56 -20.64 -13.24
C GLY B 280 -3.52 -21.62 -12.08
N TYR B 281 -4.60 -21.68 -11.29
CA TYR B 281 -4.63 -22.64 -10.20
C TYR B 281 -6.01 -23.27 -10.03
N VAL B 282 -6.04 -24.36 -9.28
CA VAL B 282 -7.24 -25.13 -9.03
C VAL B 282 -7.12 -25.79 -7.66
N TYR B 283 -8.25 -26.10 -7.03
CA TYR B 283 -8.24 -26.82 -5.76
C TYR B 283 -8.41 -28.33 -6.01
N ASP B 284 -7.74 -29.14 -5.20
CA ASP B 284 -7.77 -30.60 -5.35
C ASP B 284 -9.18 -31.19 -5.44
N ILE B 285 -10.12 -30.58 -4.72
CA ILE B 285 -11.50 -31.08 -4.68
C ILE B 285 -12.21 -30.81 -6.01
N GLU B 286 -11.57 -30.04 -6.88
CA GLU B 286 -12.12 -29.76 -8.21
C GLU B 286 -11.75 -30.87 -9.19
N LEU B 287 -10.75 -31.68 -8.83
CA LEU B 287 -10.34 -32.79 -9.67
C LEU B 287 -11.01 -34.09 -9.24
C01 B5N C . 8.83 14.16 3.74
C02 B5N C . 8.58 13.57 2.50
C03 B5N C . 7.78 14.75 4.47
C04 B5N C . 7.29 13.55 1.99
C05 B5N C . 6.51 14.74 3.95
C06 B5N C . 6.25 14.14 2.72
C08 B5N C . 8.06 15.40 5.84
C10 B5N C . 8.63 17.23 7.95
C11 B5N C . 7.95 17.49 6.59
C13 B5N C . 10.62 16.51 6.46
C14 B5N C . 9.63 16.87 5.31
C15 B5N C . 10.99 17.17 8.93
C16 B5N C . 12.53 16.90 8.75
C17 B5N C . 14.55 15.83 9.52
C18 B5N C . 13.21 16.07 9.67
C19 B5N C . 15.26 16.42 8.43
C20 B5N C . 14.59 17.23 7.53
C21 B5N C . 13.23 17.48 7.68
C23 B5N C . 12.44 15.45 10.83
F07 B5N C . 7.03 12.97 0.77
N09 B5N C . 8.39 16.70 5.65
N12 B5N C . 10.07 16.97 7.77
O22 B5N C . 10.56 17.54 9.99
CU CU D . 7.22 11.24 0.00
CU CU E . 8.27 14.95 -0.39
C01 B5N F . -10.40 -9.99 9.31
C02 B5N F . -9.89 -10.37 8.05
C03 B5N F . -9.52 -9.71 10.37
C04 B5N F . -8.52 -10.45 7.86
C05 B5N F . -8.16 -9.79 10.17
C06 B5N F . -7.65 -10.17 8.91
C08 B5N F . -10.07 -9.30 11.75
C10 B5N F . -11.02 -9.26 14.43
C11 B5N F . -10.04 -10.22 13.76
C13 B5N F . -12.64 -10.16 12.62
C14 B5N F . -11.40 -11.00 12.21
C15 B5N F . -13.54 -9.03 14.76
C16 B5N F . -15.01 -9.26 14.25
C17 B5N F . -17.20 -8.38 13.77
C18 B5N F . -15.92 -8.19 14.22
C19 B5N F . -17.62 -9.68 13.34
C20 B5N F . -16.72 -10.74 13.37
C21 B5N F . -15.42 -10.53 13.83
C23 B5N F . -15.47 -6.80 14.68
F07 B5N F . -8.02 -10.82 6.63
N09 B5N F . -10.29 -10.41 12.49
N12 B5N F . -12.39 -9.49 13.94
O22 B5N F . -13.35 -8.48 15.82
CU CU G . -7.89 -9.54 5.23
CU CU H . -9.07 -12.79 7.09
#